data_5UNK
#
_entry.id   5UNK
#
_entity_poly.entity_id   1
_entity_poly.type   'polypeptide(L)'
_entity_poly.pdbx_seq_one_letter_code
;ASMVLSPRDERTLVRKVQINPRTTAKDLVKMLEETGTKVSISTVKRVLYRHNLKGRSARKLE
;
_entity_poly.pdbx_strand_id   A
#
# COMPACT_ATOMS: atom_id res chain seq x y z
N ALA A 1 -9.74 4.12 2.56
CA ALA A 1 -8.35 4.31 2.04
C ALA A 1 -7.57 5.47 2.66
N SER A 2 -7.93 6.73 2.30
CA SER A 2 -7.18 7.96 2.56
C SER A 2 -7.00 8.27 4.05
N MET A 3 -8.04 7.99 4.86
CA MET A 3 -8.12 8.21 6.30
C MET A 3 -7.07 7.41 7.07
N VAL A 4 -6.57 6.31 6.45
CA VAL A 4 -5.81 5.20 7.03
C VAL A 4 -6.77 4.33 7.81
N LEU A 5 -7.55 3.56 7.02
CA LEU A 5 -8.68 2.76 7.44
C LEU A 5 -8.27 1.60 8.34
N SER A 6 -7.19 0.89 7.95
CA SER A 6 -6.61 -0.19 8.74
C SER A 6 -5.27 0.28 9.25
N PRO A 7 -5.09 0.68 10.52
CA PRO A 7 -3.93 1.45 10.97
C PRO A 7 -2.62 0.71 10.99
N ARG A 8 -2.57 -0.64 11.03
CA ARG A 8 -1.31 -1.33 10.78
C ARG A 8 -1.02 -1.49 9.30
N ASP A 9 -2.01 -1.99 8.53
CA ASP A 9 -1.76 -2.50 7.20
C ASP A 9 -1.64 -1.41 6.16
N GLU A 10 -2.54 -0.40 6.17
CA GLU A 10 -2.50 0.69 5.20
C GLU A 10 -1.27 1.56 5.45
N ARG A 11 -0.99 1.84 6.73
CA ARG A 11 0.10 2.70 7.18
C ARG A 11 1.47 2.11 6.81
N THR A 12 1.64 0.78 7.03
CA THR A 12 2.82 0.02 6.60
C THR A 12 2.96 0.00 5.10
N LEU A 13 1.85 -0.26 4.35
CA LEU A 13 1.86 -0.35 2.90
C LEU A 13 2.30 0.94 2.23
N VAL A 14 1.74 2.10 2.66
CA VAL A 14 2.07 3.39 2.06
C VAL A 14 3.50 3.81 2.34
N ARG A 15 4.04 3.52 3.55
CA ARG A 15 5.44 3.73 3.87
C ARG A 15 6.36 2.85 3.04
N LYS A 16 6.12 1.51 2.98
CA LYS A 16 7.00 0.60 2.28
C LYS A 16 7.03 0.77 0.77
N VAL A 17 5.87 0.94 0.09
CA VAL A 17 5.84 1.05 -1.36
C VAL A 17 6.54 2.30 -1.89
N GLN A 18 6.39 3.44 -1.19
CA GLN A 18 7.03 4.68 -1.56
C GLN A 18 8.51 4.73 -1.22
N ILE A 19 8.94 4.26 -0.02
CA ILE A 19 10.36 4.16 0.34
C ILE A 19 11.11 3.11 -0.49
N ASN A 20 10.53 1.89 -0.66
CA ASN A 20 11.19 0.81 -1.38
C ASN A 20 10.46 0.55 -2.70
N PRO A 21 10.93 1.00 -3.87
CA PRO A 21 10.23 0.82 -5.16
C PRO A 21 10.31 -0.62 -5.64
N ARG A 22 11.12 -1.45 -4.96
CA ARG A 22 11.25 -2.89 -5.10
C ARG A 22 9.96 -3.64 -4.77
N THR A 23 9.20 -3.17 -3.74
CA THR A 23 8.04 -3.84 -3.17
C THR A 23 6.91 -4.05 -4.18
N THR A 24 6.40 -5.30 -4.27
CA THR A 24 5.41 -5.71 -5.27
C THR A 24 4.25 -6.41 -4.57
N ALA A 25 3.19 -6.76 -5.35
CA ALA A 25 1.91 -7.28 -4.90
C ALA A 25 2.02 -8.57 -4.12
N LYS A 26 2.97 -9.44 -4.51
CA LYS A 26 3.29 -10.71 -3.87
C LYS A 26 3.77 -10.52 -2.44
N ASP A 27 4.59 -9.48 -2.16
CA ASP A 27 5.01 -9.11 -0.81
C ASP A 27 3.82 -8.65 0.02
N LEU A 28 2.96 -7.80 -0.59
CA LEU A 28 1.82 -7.17 0.03
C LEU A 28 0.75 -8.17 0.45
N VAL A 29 0.38 -9.14 -0.41
CA VAL A 29 -0.58 -10.19 -0.05
C VAL A 29 -0.09 -11.07 1.10
N LYS A 30 1.21 -11.40 1.11
CA LYS A 30 1.83 -12.20 2.15
C LYS A 30 1.80 -11.50 3.51
N MET A 31 2.09 -10.18 3.57
CA MET A 31 1.93 -9.39 4.79
C MET A 31 0.48 -9.28 5.26
N LEU A 32 -0.50 -9.10 4.34
CA LEU A 32 -1.91 -8.99 4.70
C LEU A 32 -2.47 -10.25 5.36
N GLU A 33 -2.16 -11.45 4.82
CA GLU A 33 -2.53 -12.71 5.44
C GLU A 33 -1.76 -13.00 6.73
N GLU A 34 -0.49 -12.55 6.84
CA GLU A 34 0.31 -12.65 8.05
C GLU A 34 -0.26 -11.84 9.21
N THR A 35 -0.72 -10.58 8.95
CA THR A 35 -1.49 -9.77 9.89
C THR A 35 -2.83 -10.42 10.21
N GLY A 36 -3.53 -10.95 9.19
CA GLY A 36 -4.81 -11.63 9.37
C GLY A 36 -5.98 -10.78 8.99
N THR A 37 -5.76 -9.73 8.17
CA THR A 37 -6.79 -8.79 7.77
C THR A 37 -7.22 -9.16 6.37
N LYS A 38 -8.53 -9.35 6.11
CA LYS A 38 -9.00 -9.65 4.77
C LYS A 38 -9.12 -8.38 3.95
N VAL A 39 -8.28 -8.29 2.89
CA VAL A 39 -8.22 -7.15 2.00
C VAL A 39 -8.26 -7.72 0.60
N SER A 40 -9.10 -7.15 -0.30
CA SER A 40 -9.17 -7.57 -1.70
C SER A 40 -7.91 -7.21 -2.48
N ILE A 41 -7.52 -8.05 -3.46
CA ILE A 41 -6.39 -7.84 -4.35
C ILE A 41 -6.59 -6.60 -5.21
N SER A 42 -7.82 -6.34 -5.71
CA SER A 42 -8.11 -5.24 -6.61
C SER A 42 -7.80 -3.86 -6.03
N THR A 43 -8.11 -3.60 -4.73
CA THR A 43 -7.72 -2.36 -4.06
C THR A 43 -6.21 -2.22 -3.90
N VAL A 44 -5.48 -3.34 -3.62
CA VAL A 44 -4.02 -3.37 -3.59
C VAL A 44 -3.45 -3.05 -4.96
N LYS A 45 -4.01 -3.66 -6.03
CA LYS A 45 -3.59 -3.45 -7.40
C LYS A 45 -3.81 -2.00 -7.85
N ARG A 46 -4.99 -1.40 -7.54
CA ARG A 46 -5.25 0.01 -7.82
C ARG A 46 -4.39 0.99 -7.04
N VAL A 47 -4.11 0.79 -5.73
CA VAL A 47 -3.24 1.70 -4.98
C VAL A 47 -1.78 1.67 -5.50
N LEU A 48 -1.29 0.52 -6.02
CA LEU A 48 -0.02 0.43 -6.72
C LEU A 48 0.01 1.31 -7.97
N TYR A 49 -1.07 1.33 -8.80
CA TYR A 49 -1.18 2.27 -9.91
C TYR A 49 -1.21 3.73 -9.46
N ARG A 50 -1.95 4.06 -8.37
CA ARG A 50 -1.97 5.42 -7.83
C ARG A 50 -0.61 5.89 -7.37
N HIS A 51 0.17 5.04 -6.67
CA HIS A 51 1.51 5.40 -6.25
C HIS A 51 2.54 5.39 -7.35
N ASN A 52 2.31 4.66 -8.48
CA ASN A 52 3.08 4.86 -9.70
C ASN A 52 2.84 6.25 -10.32
N LEU A 53 1.58 6.72 -10.40
CA LEU A 53 1.26 8.09 -10.82
C LEU A 53 1.73 9.20 -9.90
N LYS A 54 1.52 9.09 -8.56
CA LYS A 54 2.16 10.01 -7.65
C LYS A 54 2.72 9.32 -6.43
N GLY A 55 4.03 9.55 -6.18
CA GLY A 55 4.66 9.16 -4.94
C GLY A 55 4.85 10.41 -4.13
N ARG A 56 4.30 10.43 -2.89
CA ARG A 56 4.30 11.61 -2.06
C ARG A 56 5.38 11.37 -1.01
N SER A 57 6.38 12.27 -0.91
CA SER A 57 7.61 11.92 -0.21
C SER A 57 8.21 13.13 0.46
N ALA A 58 8.79 12.90 1.66
CA ALA A 58 9.47 13.89 2.46
C ALA A 58 10.87 13.39 2.77
N ARG A 59 11.54 12.78 1.76
CA ARG A 59 12.81 12.14 1.95
C ARG A 59 13.76 12.61 0.87
N LYS A 60 15.08 12.63 1.21
CA LYS A 60 16.20 13.08 0.42
C LYS A 60 16.09 14.56 0.04
N LEU A 61 16.17 14.88 -1.26
CA LEU A 61 16.23 16.24 -1.78
C LEU A 61 14.99 17.10 -1.58
N GLU A 62 13.76 16.53 -1.56
CA GLU A 62 12.55 17.33 -1.47
C GLU A 62 12.07 17.60 -0.01
N ALA A 1 0.22 11.69 2.59
CA ALA A 1 0.84 11.23 3.88
C ALA A 1 -0.12 10.85 5.00
N SER A 2 -1.21 11.63 5.20
CA SER A 2 -2.15 11.51 6.31
C SER A 2 -3.15 10.36 6.16
N MET A 3 -3.15 9.67 5.00
CA MET A 3 -4.11 8.65 4.67
C MET A 3 -3.93 7.36 5.46
N VAL A 4 -4.91 7.02 6.33
CA VAL A 4 -5.03 5.71 6.93
C VAL A 4 -6.51 5.37 6.98
N LEU A 5 -6.88 4.12 6.60
CA LEU A 5 -8.24 3.62 6.72
C LEU A 5 -8.29 2.35 7.55
N SER A 6 -7.41 1.37 7.25
CA SER A 6 -7.34 0.11 7.97
C SER A 6 -6.08 0.11 8.80
N PRO A 7 -6.10 -0.17 10.10
CA PRO A 7 -5.09 0.28 11.04
C PRO A 7 -3.69 -0.28 10.86
N ARG A 8 -3.52 -1.57 10.40
CA ARG A 8 -2.21 -2.11 10.08
C ARG A 8 -1.96 -2.08 8.60
N ASP A 9 -2.90 -2.53 7.75
CA ASP A 9 -2.63 -2.71 6.34
C ASP A 9 -2.29 -1.41 5.63
N GLU A 10 -3.06 -0.32 5.86
CA GLU A 10 -2.75 0.98 5.29
C GLU A 10 -1.48 1.57 5.87
N ARG A 11 -1.23 1.42 7.19
CA ARG A 11 -0.01 1.92 7.82
C ARG A 11 1.25 1.29 7.23
N THR A 12 1.26 -0.07 7.06
CA THR A 12 2.34 -0.76 6.37
C THR A 12 2.40 -0.41 4.90
N LEU A 13 1.25 -0.40 4.16
CA LEU A 13 1.21 -0.07 2.74
C LEU A 13 1.70 1.32 2.40
N VAL A 14 1.25 2.36 3.14
CA VAL A 14 1.65 3.74 2.90
C VAL A 14 3.15 3.94 3.13
N ARG A 15 3.72 3.42 4.25
CA ARG A 15 5.16 3.44 4.45
C ARG A 15 5.98 2.57 3.49
N LYS A 16 5.59 1.29 3.27
CA LYS A 16 6.43 0.34 2.56
C LYS A 16 6.60 0.71 1.09
N VAL A 17 5.49 1.12 0.44
CA VAL A 17 5.44 1.57 -0.95
C VAL A 17 6.20 2.87 -1.12
N GLN A 18 6.12 3.82 -0.15
CA GLN A 18 6.80 5.10 -0.21
C GLN A 18 8.31 4.92 -0.24
N ILE A 19 8.83 4.00 0.63
CA ILE A 19 10.23 3.58 0.64
C ILE A 19 10.60 2.79 -0.61
N ASN A 20 9.78 1.80 -1.02
CA ASN A 20 10.14 0.89 -2.09
C ASN A 20 9.03 0.84 -3.14
N PRO A 21 8.94 1.75 -4.13
CA PRO A 21 7.82 1.81 -5.07
C PRO A 21 7.86 0.72 -6.13
N ARG A 22 8.94 -0.08 -6.20
CA ARG A 22 9.11 -1.21 -7.08
C ARG A 22 8.11 -2.34 -6.79
N THR A 23 7.79 -2.57 -5.50
CA THR A 23 7.09 -3.76 -5.01
C THR A 23 5.65 -3.88 -5.53
N THR A 24 5.12 -5.12 -5.52
CA THR A 24 3.90 -5.48 -6.22
C THR A 24 3.00 -6.33 -5.33
N ALA A 25 1.78 -6.66 -5.82
CA ALA A 25 0.66 -7.22 -5.09
C ALA A 25 0.94 -8.57 -4.43
N LYS A 26 1.85 -9.38 -5.02
CA LYS A 26 2.30 -10.65 -4.48
C LYS A 26 3.00 -10.50 -3.13
N ASP A 27 3.82 -9.44 -2.96
CA ASP A 27 4.43 -9.08 -1.69
C ASP A 27 3.38 -8.62 -0.67
N LEU A 28 2.41 -7.78 -1.10
CA LEU A 28 1.32 -7.31 -0.26
C LEU A 28 0.41 -8.41 0.25
N VAL A 29 -0.03 -9.38 -0.60
CA VAL A 29 -0.88 -10.48 -0.13
C VAL A 29 -0.18 -11.37 0.90
N LYS A 30 1.11 -11.69 0.71
CA LYS A 30 1.89 -12.44 1.69
C LYS A 30 2.06 -11.66 3.00
N MET A 31 2.41 -10.37 2.90
CA MET A 31 2.58 -9.47 4.03
C MET A 31 1.32 -9.22 4.85
N LEU A 32 0.15 -8.97 4.19
CA LEU A 32 -1.10 -8.77 4.91
C LEU A 32 -1.62 -10.02 5.60
N GLU A 33 -1.42 -11.22 5.00
CA GLU A 33 -1.71 -12.50 5.65
C GLU A 33 -0.83 -12.76 6.86
N GLU A 34 0.49 -12.48 6.77
CA GLU A 34 1.42 -12.55 7.89
C GLU A 34 1.06 -11.58 9.00
N THR A 35 0.70 -10.32 8.64
CA THR A 35 0.25 -9.27 9.55
C THR A 35 -1.05 -9.63 10.26
N GLY A 36 -2.04 -10.18 9.52
CA GLY A 36 -3.32 -10.61 10.10
C GLY A 36 -4.46 -9.69 9.79
N THR A 37 -4.35 -8.82 8.77
CA THR A 37 -5.42 -7.91 8.36
C THR A 37 -5.85 -8.30 6.97
N LYS A 38 -7.15 -8.56 6.75
CA LYS A 38 -7.64 -8.92 5.43
C LYS A 38 -8.17 -7.69 4.70
N VAL A 39 -7.69 -7.48 3.46
CA VAL A 39 -8.19 -6.47 2.54
C VAL A 39 -8.33 -7.13 1.18
N SER A 40 -9.11 -6.51 0.27
CA SER A 40 -9.21 -6.96 -1.12
C SER A 40 -7.94 -6.72 -1.91
N ILE A 41 -7.62 -7.63 -2.86
CA ILE A 41 -6.45 -7.55 -3.74
C ILE A 41 -6.50 -6.34 -4.67
N SER A 42 -7.69 -6.05 -5.26
CA SER A 42 -7.85 -5.01 -6.26
C SER A 42 -7.53 -3.62 -5.75
N THR A 43 -7.95 -3.26 -4.51
CA THR A 43 -7.68 -1.94 -3.94
C THR A 43 -6.20 -1.71 -3.66
N VAL A 44 -5.45 -2.72 -3.16
CA VAL A 44 -4.02 -2.57 -2.92
C VAL A 44 -3.24 -2.47 -4.23
N LYS A 45 -3.66 -3.22 -5.29
CA LYS A 45 -3.15 -3.11 -6.64
C LYS A 45 -3.44 -1.74 -7.25
N ARG A 46 -4.66 -1.19 -7.05
CA ARG A 46 -5.09 0.13 -7.51
C ARG A 46 -4.24 1.24 -6.93
N VAL A 47 -3.97 1.20 -5.60
CA VAL A 47 -3.10 2.15 -4.91
C VAL A 47 -1.67 2.11 -5.43
N LEU A 48 -1.10 0.90 -5.65
CA LEU A 48 0.20 0.72 -6.29
C LEU A 48 0.23 1.25 -7.72
N TYR A 49 -0.81 0.92 -8.53
CA TYR A 49 -0.92 1.36 -9.91
C TYR A 49 -1.03 2.87 -10.02
N ARG A 50 -1.87 3.52 -9.16
CA ARG A 50 -1.94 4.96 -9.10
C ARG A 50 -0.67 5.64 -8.65
N HIS A 51 0.02 5.12 -7.60
CA HIS A 51 1.29 5.66 -7.15
C HIS A 51 2.40 5.52 -8.20
N ASN A 52 2.42 4.41 -8.97
CA ASN A 52 3.27 4.29 -10.14
C ASN A 52 2.94 5.30 -11.25
N LEU A 53 1.64 5.48 -11.59
CA LEU A 53 1.18 6.38 -12.63
C LEU A 53 1.42 7.85 -12.29
N LYS A 54 1.07 8.27 -11.05
CA LYS A 54 1.28 9.63 -10.58
C LYS A 54 2.26 9.66 -9.43
N GLY A 55 3.32 10.49 -9.57
CA GLY A 55 4.30 10.69 -8.51
C GLY A 55 3.81 11.71 -7.53
N ARG A 56 3.14 11.22 -6.47
CA ARG A 56 2.34 11.97 -5.50
C ARG A 56 3.12 13.06 -4.79
N SER A 57 4.39 12.77 -4.43
CA SER A 57 5.34 13.71 -3.87
C SER A 57 5.75 14.86 -4.80
N ALA A 58 5.60 14.70 -6.13
CA ALA A 58 5.98 15.70 -7.11
C ALA A 58 4.78 16.43 -7.66
N ARG A 59 3.87 15.74 -8.38
CA ARG A 59 2.72 16.38 -9.00
C ARG A 59 1.64 15.36 -9.30
N LYS A 60 0.39 15.85 -9.51
CA LYS A 60 -0.72 15.03 -9.98
C LYS A 60 -0.51 14.46 -11.38
N LEU A 61 0.02 15.32 -12.29
CA LEU A 61 0.19 15.12 -13.73
C LEU A 61 -1.17 15.25 -14.43
N GLU A 62 -1.27 16.21 -15.39
CA GLU A 62 -2.56 16.55 -16.00
C GLU A 62 -3.19 15.41 -16.87
N ALA A 1 3.62 0.74 18.65
CA ALA A 1 2.70 1.86 18.32
C ALA A 1 1.54 1.40 17.43
N SER A 2 1.78 1.07 16.16
CA SER A 2 0.75 0.54 15.23
C SER A 2 1.33 -0.57 14.35
N MET A 3 0.47 -1.44 13.80
CA MET A 3 0.85 -2.60 12.98
C MET A 3 -0.12 -2.80 11.80
N VAL A 4 0.18 -3.72 10.88
CA VAL A 4 -0.67 -4.04 9.71
C VAL A 4 -1.97 -4.77 10.06
N LEU A 5 -2.08 -5.27 11.29
CA LEU A 5 -3.34 -5.75 11.87
C LEU A 5 -4.28 -4.59 12.30
N SER A 6 -3.73 -3.39 12.54
CA SER A 6 -4.51 -2.20 12.89
C SER A 6 -5.19 -1.60 11.65
N PRO A 7 -6.27 -0.79 11.80
CA PRO A 7 -6.77 0.11 10.76
C PRO A 7 -5.81 1.31 10.54
N ARG A 8 -4.56 0.98 10.11
CA ARG A 8 -3.43 1.77 9.65
C ARG A 8 -2.56 0.99 8.69
N ASP A 9 -3.14 -0.01 8.05
CA ASP A 9 -2.54 -0.86 7.01
C ASP A 9 -2.06 0.03 5.83
N GLU A 10 -2.93 0.89 5.27
CA GLU A 10 -2.60 1.90 4.24
C GLU A 10 -1.32 2.66 4.57
N ARG A 11 -1.18 3.08 5.83
CA ARG A 11 -0.09 3.93 6.29
C ARG A 11 1.25 3.20 6.30
N THR A 12 1.22 1.88 6.47
CA THR A 12 2.39 1.00 6.35
C THR A 12 2.63 0.61 4.90
N LEU A 13 1.56 0.23 4.18
CA LEU A 13 1.51 -0.21 2.79
C LEU A 13 2.14 0.83 1.85
N VAL A 14 1.62 2.05 1.86
CA VAL A 14 2.06 3.15 0.99
C VAL A 14 3.51 3.51 1.28
N ARG A 15 3.91 3.63 2.57
CA ARG A 15 5.29 4.02 2.91
C ARG A 15 6.30 2.90 2.67
N LYS A 16 5.94 1.62 2.84
CA LYS A 16 6.80 0.47 2.48
C LYS A 16 7.08 0.44 0.99
N VAL A 17 6.05 0.59 0.16
CA VAL A 17 6.18 0.67 -1.32
C VAL A 17 7.02 1.88 -1.73
N GLN A 18 6.85 3.02 -1.04
CA GLN A 18 7.56 4.26 -1.33
C GLN A 18 9.08 4.23 -1.05
N ILE A 19 9.56 3.28 -0.23
CA ILE A 19 11.01 3.01 -0.06
C ILE A 19 11.47 1.76 -0.84
N ASN A 20 10.60 0.75 -0.98
CA ASN A 20 10.86 -0.48 -1.73
C ASN A 20 9.89 -0.56 -2.93
N PRO A 21 10.09 0.20 -4.02
CA PRO A 21 9.19 0.21 -5.20
C PRO A 21 9.17 -1.13 -5.98
N ARG A 22 10.05 -2.08 -5.60
CA ARG A 22 10.05 -3.47 -6.09
C ARG A 22 9.01 -4.37 -5.39
N THR A 23 8.37 -3.88 -4.32
CA THR A 23 7.38 -4.65 -3.53
C THR A 23 6.14 -4.95 -4.37
N THR A 24 5.85 -6.22 -4.65
CA THR A 24 4.74 -6.62 -5.53
C THR A 24 3.44 -6.95 -4.78
N ALA A 25 2.38 -7.24 -5.52
CA ALA A 25 1.13 -7.72 -4.94
C ALA A 25 1.25 -9.10 -4.22
N LYS A 26 2.32 -9.87 -4.41
CA LYS A 26 2.55 -11.14 -3.71
C LYS A 26 3.27 -10.96 -2.36
N ASP A 27 4.19 -10.01 -2.27
CA ASP A 27 4.73 -9.48 -1.01
C ASP A 27 3.60 -8.94 -0.10
N LEU A 28 2.56 -8.40 -0.74
CA LEU A 28 1.36 -7.87 -0.08
C LEU A 28 0.34 -8.94 0.28
N VAL A 29 0.23 -10.06 -0.44
CA VAL A 29 -0.51 -11.24 0.06
C VAL A 29 0.07 -11.63 1.41
N LYS A 30 1.38 -11.91 1.43
CA LYS A 30 2.13 -12.28 2.64
C LYS A 30 1.90 -11.31 3.78
N MET A 31 2.19 -10.03 3.60
CA MET A 31 2.05 -8.99 4.63
C MET A 31 0.60 -8.67 5.07
N LEU A 32 -0.40 -9.45 4.65
CA LEU A 32 -1.79 -9.37 5.11
C LEU A 32 -2.27 -10.74 5.63
N GLU A 33 -1.90 -11.81 4.93
CA GLU A 33 -2.09 -13.23 5.28
C GLU A 33 -1.37 -13.57 6.60
N GLU A 34 -0.14 -13.12 6.76
CA GLU A 34 0.72 -13.26 7.96
C GLU A 34 0.21 -12.43 9.16
N THR A 35 -0.86 -11.63 9.02
CA THR A 35 -1.58 -10.95 10.11
C THR A 35 -3.11 -11.09 10.07
N GLY A 36 -3.67 -11.94 9.21
CA GLY A 36 -5.12 -12.13 9.05
C GLY A 36 -5.93 -10.88 8.58
N THR A 37 -5.27 -9.85 8.07
CA THR A 37 -5.88 -8.54 7.78
C THR A 37 -6.78 -8.59 6.54
N LYS A 38 -8.06 -8.25 6.71
CA LYS A 38 -9.10 -8.29 5.63
C LYS A 38 -8.95 -7.17 4.59
N VAL A 39 -7.92 -7.23 3.76
CA VAL A 39 -7.64 -6.29 2.67
C VAL A 39 -7.65 -7.02 1.32
N SER A 40 -8.32 -6.46 0.30
CA SER A 40 -8.39 -7.10 -1.02
C SER A 40 -7.12 -6.88 -1.83
N ILE A 41 -6.49 -7.96 -2.29
CA ILE A 41 -5.38 -7.93 -3.26
C ILE A 41 -5.77 -7.15 -4.54
N SER A 42 -7.06 -7.18 -4.90
CA SER A 42 -7.59 -6.43 -6.05
C SER A 42 -7.71 -4.91 -5.84
N THR A 43 -7.66 -4.40 -4.59
CA THR A 43 -7.67 -2.95 -4.32
C THR A 43 -6.27 -2.38 -4.17
N VAL A 44 -5.36 -3.08 -3.47
CA VAL A 44 -3.97 -2.61 -3.31
C VAL A 44 -3.27 -2.47 -4.65
N LYS A 45 -3.53 -3.33 -5.64
CA LYS A 45 -3.02 -3.19 -7.01
C LYS A 45 -3.42 -1.88 -7.71
N ARG A 46 -4.54 -1.26 -7.28
CA ARG A 46 -5.00 0.05 -7.77
C ARG A 46 -4.39 1.21 -6.97
N VAL A 47 -4.18 1.04 -5.67
CA VAL A 47 -3.46 2.01 -4.81
C VAL A 47 -2.01 2.19 -5.31
N LEU A 48 -1.31 1.10 -5.62
CA LEU A 48 0.02 1.13 -6.23
C LEU A 48 0.03 2.00 -7.50
N TYR A 49 -0.95 1.81 -8.40
CA TYR A 49 -1.06 2.56 -9.64
C TYR A 49 -1.40 4.04 -9.44
N ARG A 50 -2.30 4.39 -8.49
CA ARG A 50 -2.61 5.80 -8.19
C ARG A 50 -1.43 6.54 -7.57
N HIS A 51 -0.60 5.88 -6.76
CA HIS A 51 0.66 6.47 -6.29
C HIS A 51 1.62 6.68 -7.47
N ASN A 52 1.83 5.66 -8.31
CA ASN A 52 2.79 5.68 -9.42
C ASN A 52 2.47 6.76 -10.47
N LEU A 53 1.19 6.90 -10.86
CA LEU A 53 0.79 7.80 -11.94
C LEU A 53 0.37 9.20 -11.47
N LYS A 54 -0.14 9.36 -10.24
CA LYS A 54 -0.80 10.61 -9.81
C LYS A 54 -0.50 11.08 -8.37
N GLY A 55 0.42 10.44 -7.66
CA GLY A 55 1.07 11.00 -6.46
C GLY A 55 0.13 11.48 -5.36
N ARG A 56 -0.89 10.69 -5.02
CA ARG A 56 -1.89 11.07 -4.00
C ARG A 56 -2.47 9.88 -3.22
N SER A 57 -2.34 9.94 -1.91
CA SER A 57 -3.13 9.22 -0.89
C SER A 57 -3.44 10.25 0.20
N ALA A 58 -4.47 11.08 -0.02
CA ALA A 58 -4.52 12.41 0.57
C ALA A 58 -4.84 12.40 2.07
N ARG A 59 -6.04 11.95 2.47
CA ARG A 59 -6.51 11.98 3.88
C ARG A 59 -7.26 10.70 4.28
N LYS A 60 -6.81 9.54 3.79
CA LYS A 60 -7.53 8.24 3.76
C LYS A 60 -8.70 8.25 2.77
N LEU A 61 -9.53 9.29 2.88
CA LEU A 61 -10.38 9.80 1.81
C LEU A 61 -9.54 10.68 0.87
N GLU A 62 -10.18 11.30 -0.13
CA GLU A 62 -9.56 12.10 -1.22
C GLU A 62 -8.59 11.26 -2.11
N ALA A 1 4.31 2.04 17.72
CA ALA A 1 3.09 2.87 17.42
C ALA A 1 2.39 2.59 16.09
N SER A 2 2.94 1.64 15.28
CA SER A 2 2.38 1.24 14.01
C SER A 2 2.34 -0.27 13.98
N MET A 3 1.22 -0.84 13.49
CA MET A 3 0.99 -2.27 13.47
C MET A 3 0.36 -2.64 12.15
N VAL A 4 0.75 -3.81 11.59
CA VAL A 4 0.20 -4.36 10.36
C VAL A 4 -1.18 -4.98 10.55
N LEU A 5 -1.49 -5.46 11.77
CA LEU A 5 -2.78 -6.03 12.16
C LEU A 5 -3.92 -5.03 12.12
N SER A 6 -3.67 -3.81 12.64
CA SER A 6 -4.63 -2.72 12.77
C SER A 6 -5.05 -2.12 11.43
N PRO A 7 -6.23 -1.50 11.26
CA PRO A 7 -6.68 -0.93 9.98
C PRO A 7 -5.91 0.32 9.61
N ARG A 8 -5.02 0.78 10.51
CA ARG A 8 -4.02 1.82 10.32
C ARG A 8 -2.98 1.41 9.27
N ASP A 9 -2.89 0.10 8.91
CA ASP A 9 -1.83 -0.53 8.14
C ASP A 9 -1.64 0.05 6.73
N GLU A 10 -2.67 0.76 6.21
CA GLU A 10 -2.62 1.55 4.99
C GLU A 10 -1.56 2.65 5.09
N ARG A 11 -1.43 3.31 6.26
CA ARG A 11 -0.46 4.37 6.53
C ARG A 11 0.97 3.85 6.37
N THR A 12 1.24 2.65 6.94
CA THR A 12 2.49 1.92 6.82
C THR A 12 2.77 1.52 5.39
N LEU A 13 1.75 0.99 4.67
CA LEU A 13 1.87 0.50 3.30
C LEU A 13 2.26 1.63 2.36
N VAL A 14 1.62 2.81 2.49
CA VAL A 14 1.90 4.00 1.71
C VAL A 14 3.32 4.53 1.94
N ARG A 15 3.80 4.57 3.20
CA ARG A 15 5.19 4.89 3.50
C ARG A 15 6.18 3.88 2.92
N LYS A 16 5.90 2.55 3.05
CA LYS A 16 6.76 1.50 2.52
C LYS A 16 6.95 1.53 1.02
N VAL A 17 5.87 1.73 0.21
CA VAL A 17 5.99 1.69 -1.24
C VAL A 17 6.78 2.84 -1.84
N GLN A 18 6.81 4.02 -1.17
CA GLN A 18 7.72 5.10 -1.52
C GLN A 18 9.18 4.77 -1.25
N ILE A 19 9.49 4.17 -0.07
CA ILE A 19 10.84 3.75 0.31
C ILE A 19 11.36 2.60 -0.55
N ASN A 20 10.52 1.56 -0.79
CA ASN A 20 10.91 0.36 -1.50
C ASN A 20 9.98 0.00 -2.68
N PRO A 21 10.08 0.72 -3.82
CA PRO A 21 9.09 0.71 -4.91
C PRO A 21 9.10 -0.53 -5.78
N ARG A 22 10.06 -1.47 -5.62
CA ARG A 22 10.07 -2.76 -6.29
C ARG A 22 8.95 -3.69 -5.85
N THR A 23 8.32 -3.39 -4.70
CA THR A 23 7.26 -4.16 -4.07
C THR A 23 6.02 -4.28 -4.93
N THR A 24 5.56 -5.54 -5.15
CA THR A 24 4.45 -5.88 -6.05
C THR A 24 3.39 -6.53 -5.18
N ALA A 25 2.11 -6.63 -5.65
CA ALA A 25 0.97 -7.12 -4.90
C ALA A 25 1.10 -8.56 -4.38
N LYS A 26 2.03 -9.34 -4.97
CA LYS A 26 2.48 -10.63 -4.50
C LYS A 26 3.10 -10.55 -3.10
N ASP A 27 3.91 -9.50 -2.83
CA ASP A 27 4.47 -9.24 -1.51
C ASP A 27 3.38 -8.91 -0.49
N LEU A 28 2.38 -8.10 -0.91
CA LEU A 28 1.27 -7.67 -0.06
C LEU A 28 0.40 -8.84 0.36
N VAL A 29 0.03 -9.79 -0.54
CA VAL A 29 -0.75 -10.95 -0.16
C VAL A 29 -0.01 -11.84 0.83
N LYS A 30 1.32 -12.03 0.68
CA LYS A 30 2.12 -12.77 1.63
C LYS A 30 2.15 -12.14 3.01
N MET A 31 2.36 -10.80 3.13
CA MET A 31 2.32 -10.12 4.42
C MET A 31 0.94 -10.10 5.06
N LEU A 32 -0.10 -9.76 4.27
CA LEU A 32 -1.48 -9.64 4.75
C LEU A 32 -2.09 -10.97 5.15
N GLU A 33 -1.91 -12.04 4.35
CA GLU A 33 -2.45 -13.36 4.64
C GLU A 33 -1.82 -14.00 5.87
N GLU A 34 -0.47 -13.90 6.01
CA GLU A 34 0.25 -14.35 7.20
C GLU A 34 -0.13 -13.59 8.46
N THR A 35 -0.30 -12.25 8.37
CA THR A 35 -0.80 -11.42 9.47
C THR A 35 -2.23 -11.77 9.84
N GLY A 36 -3.12 -11.97 8.84
CA GLY A 36 -4.53 -12.24 9.06
C GLY A 36 -5.37 -11.00 8.95
N THR A 37 -4.91 -9.99 8.18
CA THR A 37 -5.59 -8.70 8.09
C THR A 37 -6.46 -8.73 6.84
N LYS A 38 -7.76 -8.39 6.96
CA LYS A 38 -8.74 -8.54 5.89
C LYS A 38 -8.70 -7.38 4.91
N VAL A 39 -7.70 -7.39 4.02
CA VAL A 39 -7.47 -6.39 2.98
C VAL A 39 -7.61 -7.07 1.63
N SER A 40 -8.36 -6.45 0.69
CA SER A 40 -8.61 -7.01 -0.63
C SER A 40 -7.44 -6.85 -1.59
N ILE A 41 -7.25 -7.86 -2.48
CA ILE A 41 -6.25 -7.89 -3.54
C ILE A 41 -6.49 -6.77 -4.54
N SER A 42 -7.76 -6.55 -4.93
CA SER A 42 -8.18 -5.55 -5.90
C SER A 42 -7.84 -4.13 -5.43
N THR A 43 -8.11 -3.80 -4.14
CA THR A 43 -7.80 -2.51 -3.56
C THR A 43 -6.31 -2.22 -3.42
N VAL A 44 -5.47 -3.22 -3.03
CA VAL A 44 -4.03 -3.01 -3.00
C VAL A 44 -3.45 -2.83 -4.39
N LYS A 45 -3.96 -3.57 -5.41
CA LYS A 45 -3.50 -3.43 -6.79
C LYS A 45 -3.74 -2.04 -7.38
N ARG A 46 -4.95 -1.46 -7.21
CA ARG A 46 -5.21 -0.09 -7.62
C ARG A 46 -4.42 0.98 -6.89
N VAL A 47 -4.28 0.93 -5.54
CA VAL A 47 -3.48 1.92 -4.83
C VAL A 47 -1.99 1.86 -5.20
N LEU A 48 -1.42 0.65 -5.42
CA LEU A 48 -0.08 0.49 -5.95
C LEU A 48 0.09 1.06 -7.34
N TYR A 49 -0.88 0.82 -8.27
CA TYR A 49 -0.89 1.41 -9.59
C TYR A 49 -0.98 2.94 -9.55
N ARG A 50 -1.90 3.52 -8.73
CA ARG A 50 -2.01 4.96 -8.56
C ARG A 50 -0.77 5.61 -7.96
N HIS A 51 -0.19 5.03 -6.89
CA HIS A 51 1.04 5.51 -6.27
C HIS A 51 2.28 5.35 -7.13
N ASN A 52 2.38 4.28 -7.96
CA ASN A 52 3.43 4.16 -8.96
C ASN A 52 3.33 5.27 -10.01
N LEU A 53 2.11 5.56 -10.53
CA LEU A 53 1.90 6.63 -11.48
C LEU A 53 2.09 8.03 -10.89
N LYS A 54 1.52 8.31 -9.69
CA LYS A 54 1.59 9.61 -9.06
C LYS A 54 2.18 9.45 -7.66
N GLY A 55 3.37 10.04 -7.39
CA GLY A 55 4.09 9.82 -6.14
C GLY A 55 3.73 10.77 -5.03
N ARG A 56 2.45 10.75 -4.61
CA ARG A 56 1.93 11.52 -3.49
C ARG A 56 1.21 10.57 -2.55
N SER A 57 1.24 10.89 -1.24
CA SER A 57 0.45 10.19 -0.23
C SER A 57 -0.98 10.73 -0.25
N ALA A 58 -1.99 9.86 -0.02
CA ALA A 58 -3.38 10.25 0.02
C ALA A 58 -3.81 10.42 1.46
N ARG A 59 -4.46 11.55 1.79
CA ARG A 59 -4.87 11.86 3.15
C ARG A 59 -6.31 12.27 3.17
N LYS A 60 -7.11 11.68 4.09
CA LYS A 60 -8.41 12.15 4.50
C LYS A 60 -8.34 13.45 5.28
N LEU A 61 -7.21 13.67 5.99
CA LEU A 61 -6.87 14.85 6.76
C LEU A 61 -6.75 16.11 5.91
N GLU A 62 -6.14 16.01 4.71
CA GLU A 62 -5.76 17.15 3.89
C GLU A 62 -6.95 18.07 3.46
N ALA A 1 4.94 -3.71 16.38
CA ALA A 1 6.20 -3.15 15.79
C ALA A 1 6.10 -2.63 14.37
N SER A 2 5.61 -3.46 13.41
CA SER A 2 5.54 -3.13 11.99
C SER A 2 4.29 -2.30 11.68
N MET A 3 3.40 -2.09 12.68
CA MET A 3 2.23 -1.21 12.67
C MET A 3 1.04 -1.70 11.85
N VAL A 4 1.15 -2.87 11.18
CA VAL A 4 0.13 -3.47 10.33
C VAL A 4 -1.12 -3.88 11.11
N LEU A 5 -0.92 -4.45 12.31
CA LEU A 5 -1.94 -4.96 13.21
C LEU A 5 -2.87 -3.86 13.73
N SER A 6 -2.30 -2.67 14.01
CA SER A 6 -2.99 -1.45 14.36
C SER A 6 -3.82 -0.91 13.20
N PRO A 7 -4.86 -0.07 13.35
CA PRO A 7 -5.75 0.28 12.25
C PRO A 7 -5.12 1.10 11.14
N ARG A 8 -3.90 1.63 11.31
CA ARG A 8 -3.17 2.34 10.27
C ARG A 8 -2.43 1.38 9.32
N ASP A 9 -3.10 0.27 8.89
CA ASP A 9 -2.53 -0.73 8.00
C ASP A 9 -2.24 -0.20 6.60
N GLU A 10 -3.14 0.66 6.08
CA GLU A 10 -3.02 1.35 4.81
C GLU A 10 -1.79 2.25 4.76
N ARG A 11 -1.50 2.97 5.88
CA ARG A 11 -0.36 3.87 6.01
C ARG A 11 0.96 3.14 5.82
N THR A 12 1.16 1.98 6.51
CA THR A 12 2.34 1.14 6.35
C THR A 12 2.46 0.59 4.96
N LEU A 13 1.34 0.08 4.38
CA LEU A 13 1.32 -0.50 3.05
C LEU A 13 1.68 0.49 1.95
N VAL A 14 1.10 1.73 1.96
CA VAL A 14 1.47 2.77 1.01
C VAL A 14 2.88 3.30 1.22
N ARG A 15 3.35 3.43 2.49
CA ARG A 15 4.71 3.83 2.80
C ARG A 15 5.75 2.84 2.29
N LYS A 16 5.51 1.52 2.50
CA LYS A 16 6.47 0.47 2.21
C LYS A 16 6.81 0.38 0.74
N VAL A 17 5.78 0.45 -0.15
CA VAL A 17 5.93 0.41 -1.59
C VAL A 17 6.62 1.63 -2.16
N GLN A 18 6.39 2.84 -1.57
CA GLN A 18 7.12 4.05 -1.93
C GLN A 18 8.59 4.01 -1.53
N ILE A 19 8.92 3.53 -0.30
CA ILE A 19 10.30 3.34 0.14
C ILE A 19 11.01 2.24 -0.66
N ASN A 20 10.37 1.08 -0.88
CA ASN A 20 10.95 -0.02 -1.64
C ASN A 20 10.13 -0.31 -2.90
N PRO A 21 10.33 0.40 -4.03
CA PRO A 21 9.59 0.20 -5.27
C PRO A 21 9.94 -1.10 -5.96
N ARG A 22 10.99 -1.76 -5.49
CA ARG A 22 11.52 -3.03 -5.95
C ARG A 22 10.56 -4.16 -5.66
N THR A 23 9.71 -4.02 -4.63
CA THR A 23 8.79 -5.05 -4.16
C THR A 23 7.56 -5.20 -5.07
N THR A 24 6.87 -6.37 -4.96
CA THR A 24 5.71 -6.68 -5.79
C THR A 24 4.54 -7.00 -4.89
N ALA A 25 3.32 -7.12 -5.47
CA ALA A 25 2.08 -7.41 -4.77
C ALA A 25 2.12 -8.73 -3.99
N LYS A 26 2.87 -9.73 -4.48
CA LYS A 26 3.07 -11.01 -3.80
C LYS A 26 3.79 -10.90 -2.46
N ASP A 27 4.65 -9.87 -2.25
CA ASP A 27 5.20 -9.58 -0.94
C ASP A 27 4.11 -9.15 0.05
N LEU A 28 3.19 -8.29 -0.41
CA LEU A 28 2.08 -7.75 0.35
C LEU A 28 1.05 -8.82 0.72
N VAL A 29 0.69 -9.76 -0.21
CA VAL A 29 -0.36 -10.74 0.06
C VAL A 29 0.01 -11.68 1.20
N LYS A 30 1.31 -12.11 1.29
CA LYS A 30 1.82 -12.88 2.40
C LYS A 30 1.75 -12.12 3.71
N MET A 31 2.16 -10.83 3.72
CA MET A 31 2.15 -9.94 4.87
C MET A 31 0.76 -9.72 5.44
N LEU A 32 -0.24 -9.43 4.57
CA LEU A 32 -1.63 -9.26 4.94
C LEU A 32 -2.27 -10.55 5.45
N GLU A 33 -1.99 -11.71 4.80
CA GLU A 33 -2.41 -13.02 5.30
C GLU A 33 -1.76 -13.41 6.63
N GLU A 34 -0.42 -13.21 6.78
CA GLU A 34 0.36 -13.54 7.97
C GLU A 34 -0.08 -12.76 9.19
N THR A 35 -0.36 -11.45 9.03
CA THR A 35 -0.87 -10.58 10.09
C THR A 35 -2.35 -10.76 10.36
N GLY A 36 -3.09 -11.48 9.48
CA GLY A 36 -4.48 -11.85 9.71
C GLY A 36 -5.48 -10.76 9.47
N THR A 37 -5.24 -9.89 8.46
CA THR A 37 -6.12 -8.76 8.18
C THR A 37 -6.88 -9.02 6.88
N LYS A 38 -8.15 -8.55 6.80
CA LYS A 38 -8.98 -8.73 5.62
C LYS A 38 -8.90 -7.47 4.78
N VAL A 39 -8.09 -7.51 3.69
CA VAL A 39 -7.87 -6.36 2.82
C VAL A 39 -8.07 -6.84 1.39
N SER A 40 -8.83 -6.08 0.56
CA SER A 40 -9.03 -6.41 -0.85
C SER A 40 -7.75 -6.22 -1.67
N ILE A 41 -7.36 -7.26 -2.44
CA ILE A 41 -6.17 -7.32 -3.27
C ILE A 41 -6.21 -6.30 -4.39
N SER A 42 -7.40 -6.14 -5.04
CA SER A 42 -7.62 -5.18 -6.12
C SER A 42 -7.37 -3.75 -5.67
N THR A 43 -7.86 -3.38 -4.46
CA THR A 43 -7.63 -2.08 -3.83
C THR A 43 -6.15 -1.85 -3.57
N VAL A 44 -5.43 -2.88 -3.03
CA VAL A 44 -4.00 -2.84 -2.80
C VAL A 44 -3.18 -2.64 -4.06
N LYS A 45 -3.52 -3.39 -5.14
CA LYS A 45 -2.88 -3.26 -6.44
C LYS A 45 -3.10 -1.89 -7.06
N ARG A 46 -4.32 -1.33 -6.96
CA ARG A 46 -4.67 0.01 -7.45
C ARG A 46 -3.86 1.11 -6.79
N VAL A 47 -3.57 1.04 -5.47
CA VAL A 47 -2.82 2.04 -4.71
C VAL A 47 -1.40 2.24 -5.25
N LEU A 48 -0.66 1.16 -5.60
CA LEU A 48 0.67 1.27 -6.19
C LEU A 48 0.64 1.98 -7.54
N TYR A 49 -0.34 1.65 -8.42
CA TYR A 49 -0.57 2.38 -9.65
C TYR A 49 -0.99 3.81 -9.44
N ARG A 50 -1.89 4.11 -8.47
CA ARG A 50 -2.34 5.47 -8.22
C ARG A 50 -1.22 6.40 -7.77
N HIS A 51 -0.35 5.96 -6.82
CA HIS A 51 0.87 6.69 -6.46
C HIS A 51 1.93 6.77 -7.54
N ASN A 52 2.16 5.72 -8.36
CA ASN A 52 3.03 5.85 -9.52
C ASN A 52 2.50 6.84 -10.56
N LEU A 53 1.19 6.80 -10.88
CA LEU A 53 0.53 7.72 -11.80
C LEU A 53 0.43 9.15 -11.29
N LYS A 54 0.02 9.35 -10.02
CA LYS A 54 -0.22 10.64 -9.40
C LYS A 54 0.69 10.78 -8.20
N GLY A 55 1.60 11.78 -8.20
CA GLY A 55 2.54 11.95 -7.10
C GLY A 55 1.98 12.71 -5.94
N ARG A 56 1.12 12.07 -5.11
CA ARG A 56 0.56 12.72 -3.95
C ARG A 56 1.58 12.95 -2.85
N SER A 57 1.74 14.22 -2.41
CA SER A 57 2.51 14.55 -1.23
C SER A 57 1.90 15.83 -0.72
N ALA A 58 1.75 15.99 0.63
CA ALA A 58 1.15 17.12 1.30
C ALA A 58 -0.34 17.28 1.01
N ARG A 59 -0.68 17.70 -0.23
CA ARG A 59 -2.03 17.82 -0.72
C ARG A 59 -1.99 17.15 -2.10
N LYS A 60 -1.73 17.89 -3.21
CA LYS A 60 -1.24 17.27 -4.43
C LYS A 60 -0.08 18.04 -5.10
N LEU A 61 -0.19 19.38 -5.33
CA LEU A 61 0.87 20.24 -5.88
C LEU A 61 1.54 19.80 -7.17
N GLU A 62 0.74 19.41 -8.16
CA GLU A 62 1.23 19.02 -9.48
C GLU A 62 1.76 20.21 -10.33
N ALA A 1 -1.62 16.25 7.67
CA ALA A 1 -2.23 15.06 8.35
C ALA A 1 -3.29 14.33 7.54
N SER A 2 -2.89 13.26 6.80
CA SER A 2 -3.79 12.41 6.07
C SER A 2 -4.49 11.41 6.97
N MET A 3 -5.67 10.91 6.54
CA MET A 3 -6.36 9.84 7.23
C MET A 3 -5.87 8.50 6.73
N VAL A 4 -5.64 7.55 7.66
CA VAL A 4 -5.32 6.19 7.34
C VAL A 4 -6.34 5.32 8.04
N LEU A 5 -6.71 4.18 7.40
CA LEU A 5 -7.71 3.24 7.89
C LEU A 5 -7.27 2.56 9.18
N SER A 6 -5.99 2.17 9.27
CA SER A 6 -5.39 1.69 10.51
C SER A 6 -4.00 2.28 10.61
N PRO A 7 -3.46 2.57 11.80
CA PRO A 7 -2.08 3.01 11.94
C PRO A 7 -1.09 1.87 11.79
N ARG A 8 -1.54 0.60 11.85
CA ARG A 8 -0.64 -0.53 11.76
C ARG A 8 -0.46 -1.03 10.34
N ASP A 9 -1.54 -1.21 9.55
CA ASP A 9 -1.38 -1.80 8.23
C ASP A 9 -1.31 -0.73 7.14
N GLU A 10 -2.25 0.26 7.14
CA GLU A 10 -2.32 1.23 6.06
C GLU A 10 -1.14 2.20 6.07
N ARG A 11 -0.74 2.70 7.27
CA ARG A 11 0.40 3.59 7.41
C ARG A 11 1.71 2.93 6.99
N THR A 12 1.90 1.64 7.42
CA THR A 12 3.02 0.79 7.01
C THR A 12 3.02 0.53 5.52
N LEU A 13 1.84 0.23 4.93
CA LEU A 13 1.70 0.03 3.49
C LEU A 13 2.05 1.27 2.68
N VAL A 14 1.56 2.47 3.06
CA VAL A 14 1.87 3.71 2.37
C VAL A 14 3.36 4.07 2.44
N ARG A 15 4.01 4.00 3.62
CA ARG A 15 5.43 4.27 3.68
C ARG A 15 6.29 3.22 3.00
N LYS A 16 5.94 1.91 3.10
CA LYS A 16 6.71 0.83 2.49
C LYS A 16 6.73 0.92 0.96
N VAL A 17 5.55 1.14 0.32
CA VAL A 17 5.47 1.27 -1.13
C VAL A 17 6.13 2.55 -1.64
N GLN A 18 6.02 3.68 -0.90
CA GLN A 18 6.71 4.91 -1.23
C GLN A 18 8.23 4.81 -1.13
N ILE A 19 8.78 4.18 -0.06
CA ILE A 19 10.22 3.94 0.09
C ILE A 19 10.77 2.97 -0.95
N ASN A 20 10.10 1.82 -1.20
CA ASN A 20 10.54 0.87 -2.22
C ASN A 20 9.39 0.46 -3.13
N PRO A 21 9.14 1.14 -4.27
CA PRO A 21 8.03 0.83 -5.16
C PRO A 21 8.23 -0.44 -5.95
N ARG A 22 9.46 -1.03 -5.98
CA ARG A 22 9.74 -2.24 -6.72
C ARG A 22 9.33 -3.48 -5.93
N THR A 23 8.01 -3.59 -5.69
CA THR A 23 7.36 -4.74 -5.06
C THR A 23 6.17 -5.11 -5.92
N THR A 24 5.64 -6.34 -5.76
CA THR A 24 4.46 -6.78 -6.48
C THR A 24 3.38 -7.07 -5.47
N ALA A 25 2.11 -7.24 -5.94
CA ALA A 25 0.96 -7.51 -5.11
C ALA A 25 1.08 -8.78 -4.28
N LYS A 26 1.84 -9.78 -4.79
CA LYS A 26 2.15 -11.03 -4.11
C LYS A 26 2.88 -10.83 -2.79
N ASP A 27 3.83 -9.85 -2.72
CA ASP A 27 4.54 -9.51 -1.50
C ASP A 27 3.58 -8.98 -0.42
N LEU A 28 2.65 -8.11 -0.85
CA LEU A 28 1.57 -7.55 -0.04
C LEU A 28 0.57 -8.61 0.40
N VAL A 29 0.21 -9.58 -0.47
CA VAL A 29 -0.67 -10.71 -0.15
C VAL A 29 -0.08 -11.55 0.97
N LYS A 30 1.24 -11.87 0.93
CA LYS A 30 1.91 -12.55 2.02
C LYS A 30 1.93 -11.74 3.31
N MET A 31 2.18 -10.41 3.24
CA MET A 31 2.11 -9.51 4.38
C MET A 31 0.73 -9.46 5.04
N LEU A 32 -0.35 -9.35 4.25
CA LEU A 32 -1.72 -9.37 4.74
C LEU A 32 -2.12 -10.71 5.35
N GLU A 33 -1.76 -11.85 4.70
CA GLU A 33 -1.98 -13.19 5.23
C GLU A 33 -1.18 -13.49 6.49
N GLU A 34 0.11 -13.10 6.53
CA GLU A 34 0.98 -13.24 7.69
C GLU A 34 0.50 -12.43 8.88
N THR A 35 0.07 -11.17 8.66
CA THR A 35 -0.52 -10.29 9.66
C THR A 35 -1.83 -10.85 10.18
N GLY A 36 -2.69 -11.34 9.26
CA GLY A 36 -3.96 -11.97 9.59
C GLY A 36 -5.12 -11.02 9.42
N THR A 37 -5.17 -10.32 8.28
CA THR A 37 -6.23 -9.37 7.99
C THR A 37 -6.65 -9.54 6.54
N LYS A 38 -7.91 -9.17 6.21
CA LYS A 38 -8.40 -9.19 4.85
C LYS A 38 -8.55 -7.76 4.37
N VAL A 39 -7.82 -7.40 3.29
CA VAL A 39 -7.90 -6.12 2.61
C VAL A 39 -8.10 -6.49 1.16
N SER A 40 -9.06 -5.87 0.43
CA SER A 40 -9.40 -6.26 -0.93
C SER A 40 -8.26 -6.05 -1.91
N ILE A 41 -7.92 -7.14 -2.66
CA ILE A 41 -6.75 -7.23 -3.52
C ILE A 41 -6.77 -6.23 -4.67
N SER A 42 -7.93 -6.06 -5.34
CA SER A 42 -8.08 -5.16 -6.47
C SER A 42 -7.80 -3.72 -6.11
N THR A 43 -8.27 -3.25 -4.93
CA THR A 43 -8.03 -1.90 -4.41
C THR A 43 -6.56 -1.68 -4.15
N VAL A 44 -5.88 -2.68 -3.53
CA VAL A 44 -4.44 -2.68 -3.28
C VAL A 44 -3.64 -2.64 -4.58
N LYS A 45 -4.00 -3.50 -5.57
CA LYS A 45 -3.35 -3.55 -6.85
C LYS A 45 -3.49 -2.26 -7.67
N ARG A 46 -4.73 -1.68 -7.71
CA ARG A 46 -4.97 -0.41 -8.36
C ARG A 46 -4.22 0.76 -7.75
N VAL A 47 -4.19 0.91 -6.39
CA VAL A 47 -3.47 2.02 -5.77
C VAL A 47 -1.97 1.90 -5.96
N LEU A 48 -1.40 0.67 -5.87
CA LEU A 48 0.02 0.41 -6.01
C LEU A 48 0.53 0.76 -7.39
N TYR A 49 -0.17 0.31 -8.46
CA TYR A 49 0.18 0.74 -9.80
C TYR A 49 -0.16 2.17 -10.16
N ARG A 50 -1.39 2.67 -9.87
CA ARG A 50 -1.85 3.90 -10.49
C ARG A 50 -1.05 5.12 -10.09
N HIS A 51 -0.73 5.31 -8.79
CA HIS A 51 0.05 6.45 -8.30
C HIS A 51 1.49 6.48 -8.78
N ASN A 52 2.16 5.31 -8.85
CA ASN A 52 3.48 5.21 -9.45
C ASN A 52 3.48 5.47 -10.96
N LEU A 53 2.49 4.89 -11.69
CA LEU A 53 2.43 4.97 -13.14
C LEU A 53 1.97 6.35 -13.63
N LYS A 54 0.93 6.94 -13.00
CA LYS A 54 0.45 8.27 -13.34
C LYS A 54 0.43 9.10 -12.07
N GLY A 55 0.97 10.33 -12.10
CA GLY A 55 0.98 11.18 -10.92
C GLY A 55 -0.34 11.87 -10.71
N ARG A 56 -1.21 11.27 -9.88
CA ARG A 56 -2.55 11.77 -9.58
C ARG A 56 -2.46 12.85 -8.52
N SER A 57 -1.96 14.04 -8.95
CA SER A 57 -1.58 15.17 -8.11
C SER A 57 -0.42 14.83 -7.19
N ALA A 58 -0.17 15.66 -6.15
CA ALA A 58 0.95 15.50 -5.25
C ALA A 58 0.56 15.63 -3.79
N ARG A 59 0.15 16.86 -3.37
CA ARG A 59 -0.11 17.24 -1.99
C ARG A 59 1.11 17.05 -1.10
N LYS A 60 1.04 16.20 -0.04
CA LYS A 60 2.11 16.07 0.92
C LYS A 60 2.86 14.76 0.69
N LEU A 61 4.21 14.83 0.77
CA LEU A 61 5.18 13.74 0.66
C LEU A 61 5.29 13.11 -0.72
N GLU A 62 4.16 12.74 -1.36
CA GLU A 62 4.16 11.99 -2.60
C GLU A 62 4.73 12.77 -3.83
N ALA A 1 7.71 -0.82 12.08
CA ALA A 1 7.03 -0.79 13.43
C ALA A 1 5.57 -0.37 13.42
N SER A 2 5.15 0.36 12.37
CA SER A 2 3.79 0.85 12.16
C SER A 2 2.78 -0.27 11.95
N MET A 3 1.56 -0.08 12.51
CA MET A 3 0.51 -1.08 12.49
C MET A 3 -0.28 -1.08 11.18
N VAL A 4 -0.75 -2.27 10.75
CA VAL A 4 -1.63 -2.42 9.59
C VAL A 4 -3.09 -2.57 10.02
N LEU A 5 -3.35 -2.98 11.29
CA LEU A 5 -4.68 -3.11 11.89
C LEU A 5 -5.42 -1.78 12.03
N SER A 6 -4.70 -0.70 12.38
CA SER A 6 -5.20 0.63 12.66
C SER A 6 -5.59 1.40 11.39
N PRO A 7 -6.33 2.53 11.41
CA PRO A 7 -6.76 3.24 10.19
C PRO A 7 -5.61 3.99 9.53
N ARG A 8 -4.40 3.88 10.08
CA ARG A 8 -3.14 4.35 9.55
C ARG A 8 -2.57 3.37 8.52
N ASP A 9 -3.34 2.31 8.17
CA ASP A 9 -2.92 1.19 7.33
C ASP A 9 -2.47 1.60 5.93
N GLU A 10 -3.12 2.61 5.33
CA GLU A 10 -2.72 3.18 4.05
C GLU A 10 -1.31 3.78 4.11
N ARG A 11 -0.99 4.54 5.19
CA ARG A 11 0.33 5.09 5.43
C ARG A 11 1.39 4.01 5.59
N THR A 12 1.07 2.93 6.35
CA THR A 12 1.93 1.75 6.54
C THR A 12 2.20 1.04 5.23
N LEU A 13 1.16 0.81 4.39
CA LEU A 13 1.30 0.20 3.07
C LEU A 13 2.12 1.07 2.12
N VAL A 14 1.87 2.40 2.07
CA VAL A 14 2.63 3.37 1.29
C VAL A 14 4.09 3.43 1.71
N ARG A 15 4.39 3.41 3.03
CA ARG A 15 5.75 3.40 3.56
C ARG A 15 6.55 2.18 3.08
N LYS A 16 5.96 0.96 3.09
CA LYS A 16 6.60 -0.23 2.57
C LYS A 16 6.92 -0.13 1.07
N VAL A 17 5.95 0.39 0.27
CA VAL A 17 6.10 0.64 -1.16
C VAL A 17 7.17 1.69 -1.46
N GLN A 18 7.22 2.82 -0.70
CA GLN A 18 8.28 3.81 -0.84
C GLN A 18 9.67 3.30 -0.49
N ILE A 19 9.82 2.54 0.63
CA ILE A 19 11.09 1.94 1.02
C ILE A 19 11.59 0.89 0.04
N ASN A 20 10.73 -0.04 -0.43
CA ASN A 20 11.14 -0.98 -1.47
C ASN A 20 10.28 -0.80 -2.72
N PRO A 21 10.72 -0.08 -3.76
CA PRO A 21 9.94 0.13 -4.97
C PRO A 21 9.82 -1.12 -5.84
N ARG A 22 10.61 -2.18 -5.57
CA ARG A 22 10.61 -3.40 -6.36
C ARG A 22 9.52 -4.37 -5.92
N THR A 23 8.73 -4.02 -4.87
CA THR A 23 7.73 -4.91 -4.28
C THR A 23 6.52 -5.15 -5.19
N THR A 24 5.90 -6.33 -5.04
CA THR A 24 4.75 -6.77 -5.83
C THR A 24 3.63 -7.17 -4.90
N ALA A 25 2.40 -7.38 -5.42
CA ALA A 25 1.20 -7.72 -4.67
C ALA A 25 1.35 -8.98 -3.84
N LYS A 26 2.12 -9.96 -4.36
CA LYS A 26 2.51 -11.18 -3.70
C LYS A 26 3.34 -10.97 -2.43
N ASP A 27 4.27 -9.98 -2.44
CA ASP A 27 5.02 -9.62 -1.24
C ASP A 27 4.10 -9.02 -0.17
N LEU A 28 3.17 -8.11 -0.57
CA LEU A 28 2.20 -7.52 0.34
C LEU A 28 1.22 -8.53 0.92
N VAL A 29 0.65 -9.44 0.10
CA VAL A 29 -0.39 -10.36 0.56
C VAL A 29 0.09 -11.32 1.62
N LYS A 30 1.32 -11.88 1.51
CA LYS A 30 1.86 -12.82 2.49
C LYS A 30 2.03 -12.18 3.86
N MET A 31 2.58 -10.95 3.91
CA MET A 31 2.72 -10.15 5.13
C MET A 31 1.37 -9.79 5.73
N LEU A 32 0.43 -9.32 4.89
CA LEU A 32 -0.88 -8.85 5.29
C LEU A 32 -1.75 -10.00 5.84
N GLU A 33 -1.77 -11.16 5.13
CA GLU A 33 -2.44 -12.38 5.51
C GLU A 33 -1.87 -13.03 6.77
N GLU A 34 -0.52 -13.10 6.91
CA GLU A 34 0.15 -13.63 8.09
C GLU A 34 -0.12 -12.79 9.32
N THR A 35 -0.12 -11.45 9.17
CA THR A 35 -0.50 -10.51 10.22
C THR A 35 -1.96 -10.70 10.63
N GLY A 36 -2.86 -10.88 9.64
CA GLY A 36 -4.25 -11.27 9.88
C GLY A 36 -5.26 -10.26 9.44
N THR A 37 -4.98 -9.54 8.33
CA THR A 37 -5.87 -8.51 7.81
C THR A 37 -6.32 -8.92 6.43
N LYS A 38 -7.66 -8.88 6.14
CA LYS A 38 -8.16 -9.22 4.83
C LYS A 38 -8.40 -7.96 4.03
N VAL A 39 -7.65 -7.75 2.92
CA VAL A 39 -7.91 -6.70 1.94
C VAL A 39 -7.85 -7.40 0.60
N SER A 40 -8.83 -7.15 -0.31
CA SER A 40 -8.80 -7.69 -1.66
C SER A 40 -7.65 -7.12 -2.50
N ILE A 41 -7.00 -7.97 -3.33
CA ILE A 41 -5.83 -7.63 -4.14
C ILE A 41 -6.13 -6.57 -5.18
N SER A 42 -7.33 -6.62 -5.81
CA SER A 42 -7.75 -5.78 -6.92
C SER A 42 -7.70 -4.30 -6.61
N THR A 43 -8.17 -3.87 -5.42
CA THR A 43 -8.07 -2.49 -4.98
C THR A 43 -6.64 -2.09 -4.61
N VAL A 44 -5.84 -3.00 -4.02
CA VAL A 44 -4.45 -2.76 -3.64
C VAL A 44 -3.57 -2.45 -4.85
N LYS A 45 -3.68 -3.23 -5.96
CA LYS A 45 -2.91 -2.95 -7.17
C LYS A 45 -3.24 -1.58 -7.78
N ARG A 46 -4.53 -1.18 -7.76
CA ARG A 46 -5.02 0.11 -8.21
C ARG A 46 -4.47 1.26 -7.40
N VAL A 47 -4.38 1.13 -6.05
CA VAL A 47 -3.74 2.11 -5.18
C VAL A 47 -2.27 2.32 -5.52
N LEU A 48 -1.48 1.22 -5.71
CA LEU A 48 -0.10 1.36 -6.15
C LEU A 48 0.04 1.96 -7.55
N TYR A 49 -0.79 1.53 -8.53
CA TYR A 49 -0.80 2.08 -9.88
C TYR A 49 -1.16 3.56 -9.90
N ARG A 50 -2.22 3.98 -9.18
CA ARG A 50 -2.64 5.36 -9.04
C ARG A 50 -1.59 6.23 -8.36
N HIS A 51 -0.99 5.75 -7.25
CA HIS A 51 0.07 6.45 -6.54
C HIS A 51 1.37 6.54 -7.34
N ASN A 52 1.70 5.51 -8.16
CA ASN A 52 2.80 5.58 -9.11
C ASN A 52 2.57 6.64 -10.19
N LEU A 53 1.35 6.70 -10.78
CA LEU A 53 0.96 7.70 -11.77
C LEU A 53 0.89 9.11 -11.20
N LYS A 54 0.25 9.30 -10.02
CA LYS A 54 0.08 10.59 -9.38
C LYS A 54 0.82 10.57 -8.06
N GLY A 55 1.81 11.46 -7.86
CA GLY A 55 2.66 11.48 -6.67
C GLY A 55 1.99 12.12 -5.49
N ARG A 56 1.04 11.38 -4.87
CA ARG A 56 0.15 11.80 -3.80
C ARG A 56 -0.64 13.05 -4.21
N SER A 57 -0.63 14.12 -3.41
CA SER A 57 -0.94 15.45 -3.87
C SER A 57 -0.29 16.33 -2.82
N ALA A 58 0.20 17.52 -3.21
CA ALA A 58 0.74 18.54 -2.31
C ALA A 58 1.83 18.08 -1.34
N ARG A 59 2.94 17.50 -1.88
CA ARG A 59 4.04 16.99 -1.10
C ARG A 59 4.81 18.00 -0.28
N LYS A 60 5.16 17.60 0.97
CA LYS A 60 6.24 18.15 1.74
C LYS A 60 7.16 16.95 1.94
N LEU A 61 8.49 17.12 1.69
CA LEU A 61 9.43 16.02 1.75
C LEU A 61 9.59 15.46 3.16
N GLU A 62 9.71 16.35 4.17
CA GLU A 62 9.84 15.99 5.58
C GLU A 62 8.56 15.34 6.18
N ALA A 1 -5.63 13.37 6.67
CA ALA A 1 -6.94 12.83 7.16
C ALA A 1 -7.59 11.77 6.27
N SER A 2 -7.91 12.12 5.00
CA SER A 2 -8.69 11.30 4.07
C SER A 2 -8.02 9.96 3.77
N MET A 3 -6.68 9.97 3.54
CA MET A 3 -5.88 8.80 3.26
C MET A 3 -5.75 7.81 4.43
N VAL A 4 -5.94 8.27 5.70
CA VAL A 4 -5.55 7.55 6.90
C VAL A 4 -6.36 6.28 7.12
N LEU A 5 -7.71 6.35 7.00
CA LEU A 5 -8.61 5.18 6.97
C LEU A 5 -8.43 4.23 8.16
N SER A 6 -8.08 2.94 7.90
CA SER A 6 -7.72 2.01 8.96
C SER A 6 -6.19 1.98 9.05
N PRO A 7 -5.54 2.54 10.07
CA PRO A 7 -4.11 2.79 10.05
C PRO A 7 -3.28 1.53 10.15
N ARG A 8 -3.84 0.42 10.67
CA ARG A 8 -3.17 -0.84 10.90
C ARG A 8 -2.65 -1.52 9.64
N ASP A 9 -3.41 -1.47 8.53
CA ASP A 9 -2.93 -1.89 7.23
C ASP A 9 -2.39 -0.70 6.43
N GLU A 10 -3.03 0.49 6.52
CA GLU A 10 -2.71 1.63 5.69
C GLU A 10 -1.31 2.19 5.91
N ARG A 11 -0.84 2.35 7.18
CA ARG A 11 0.50 2.83 7.47
C ARG A 11 1.58 1.90 6.94
N THR A 12 1.40 0.58 7.15
CA THR A 12 2.30 -0.47 6.70
C THR A 12 2.38 -0.50 5.18
N LEU A 13 1.22 -0.43 4.48
CA LEU A 13 1.16 -0.35 3.02
C LEU A 13 1.82 0.90 2.47
N VAL A 14 1.54 2.09 3.05
CA VAL A 14 2.13 3.36 2.65
C VAL A 14 3.63 3.37 2.85
N ARG A 15 4.15 2.90 4.02
CA ARG A 15 5.58 2.84 4.26
C ARG A 15 6.32 1.94 3.28
N LYS A 16 5.77 0.74 2.99
CA LYS A 16 6.36 -0.19 2.02
C LYS A 16 6.43 0.36 0.60
N VAL A 17 5.34 1.01 0.09
CA VAL A 17 5.37 1.56 -1.26
C VAL A 17 6.19 2.84 -1.33
N GLN A 18 6.24 3.65 -0.24
CA GLN A 18 7.14 4.79 -0.15
C GLN A 18 8.61 4.42 -0.14
N ILE A 19 9.04 3.41 0.66
CA ILE A 19 10.42 2.92 0.68
C ILE A 19 10.80 2.23 -0.62
N ASN A 20 9.95 1.34 -1.18
CA ASN A 20 10.25 0.68 -2.43
C ASN A 20 9.08 0.91 -3.38
N PRO A 21 9.08 1.90 -4.28
CA PRO A 21 7.98 2.14 -5.21
C PRO A 21 7.88 1.08 -6.30
N ARG A 22 8.90 0.22 -6.45
CA ARG A 22 8.96 -0.81 -7.48
C ARG A 22 8.43 -2.14 -6.95
N THR A 23 7.93 -2.19 -5.69
CA THR A 23 7.41 -3.41 -5.09
C THR A 23 6.15 -3.90 -5.77
N THR A 24 6.04 -5.23 -5.93
CA THR A 24 4.88 -5.89 -6.50
C THR A 24 3.83 -6.16 -5.44
N ALA A 25 2.59 -6.45 -5.88
CA ALA A 25 1.45 -6.73 -5.02
C ALA A 25 1.63 -7.95 -4.14
N LYS A 26 2.41 -8.95 -4.60
CA LYS A 26 2.65 -10.21 -3.91
C LYS A 26 3.33 -10.02 -2.55
N ASP A 27 4.31 -9.09 -2.44
CA ASP A 27 4.96 -8.77 -1.18
C ASP A 27 3.96 -8.19 -0.18
N LEU A 28 3.06 -7.29 -0.65
CA LEU A 28 1.96 -6.74 0.13
C LEU A 28 0.96 -7.81 0.56
N VAL A 29 0.59 -8.75 -0.34
CA VAL A 29 -0.28 -9.89 -0.02
C VAL A 29 0.33 -10.81 1.03
N LYS A 30 1.63 -11.15 0.96
CA LYS A 30 2.29 -11.98 1.96
C LYS A 30 2.30 -11.37 3.37
N MET A 31 2.63 -10.07 3.51
CA MET A 31 2.55 -9.42 4.81
C MET A 31 1.12 -9.23 5.29
N LEU A 32 0.14 -9.03 4.38
CA LEU A 32 -1.27 -8.90 4.66
C LEU A 32 -1.83 -10.18 5.27
N GLU A 33 -1.46 -11.35 4.69
CA GLU A 33 -1.81 -12.67 5.21
C GLU A 33 -1.23 -12.94 6.59
N GLU A 34 0.05 -12.55 6.83
CA GLU A 34 0.68 -12.61 8.13
C GLU A 34 0.00 -11.70 9.15
N THR A 35 -0.36 -10.45 8.76
CA THR A 35 -1.08 -9.47 9.56
C THR A 35 -2.48 -9.95 9.94
N GLY A 36 -3.24 -10.53 8.98
CA GLY A 36 -4.54 -11.13 9.25
C GLY A 36 -5.70 -10.22 9.04
N THR A 37 -5.51 -9.09 8.32
CA THR A 37 -6.55 -8.11 8.04
C THR A 37 -7.06 -8.34 6.64
N LYS A 38 -8.40 -8.48 6.44
CA LYS A 38 -8.96 -8.60 5.11
C LYS A 38 -9.19 -7.26 4.45
N VAL A 39 -8.59 -7.09 3.26
CA VAL A 39 -8.81 -5.98 2.35
C VAL A 39 -8.94 -6.61 0.97
N SER A 40 -9.51 -5.89 -0.01
CA SER A 40 -9.64 -6.38 -1.37
C SER A 40 -8.32 -6.32 -2.14
N ILE A 41 -8.04 -7.34 -2.98
CA ILE A 41 -6.85 -7.43 -3.82
C ILE A 41 -6.82 -6.32 -4.87
N SER A 42 -7.98 -6.06 -5.51
CA SER A 42 -8.14 -5.08 -6.59
C SER A 42 -7.79 -3.67 -6.15
N THR A 43 -8.22 -3.25 -4.93
CA THR A 43 -7.88 -1.94 -4.38
C THR A 43 -6.40 -1.80 -4.04
N VAL A 44 -5.71 -2.86 -3.57
CA VAL A 44 -4.26 -2.87 -3.36
C VAL A 44 -3.52 -2.69 -4.68
N LYS A 45 -3.94 -3.40 -5.75
CA LYS A 45 -3.42 -3.21 -7.10
C LYS A 45 -3.70 -1.83 -7.66
N ARG A 46 -4.93 -1.28 -7.45
CA ARG A 46 -5.32 0.06 -7.86
C ARG A 46 -4.47 1.15 -7.21
N VAL A 47 -4.16 1.05 -5.90
CA VAL A 47 -3.27 1.97 -5.21
C VAL A 47 -1.86 1.94 -5.80
N LEU A 48 -1.28 0.74 -6.08
CA LEU A 48 -0.02 0.64 -6.80
C LEU A 48 -0.07 1.20 -8.21
N TYR A 49 -1.12 0.90 -9.03
CA TYR A 49 -1.27 1.56 -10.31
C TYR A 49 -1.45 3.05 -10.25
N ARG A 50 -2.31 3.60 -9.37
CA ARG A 50 -2.49 5.05 -9.30
C ARG A 50 -1.20 5.77 -8.88
N HIS A 51 -0.52 5.27 -7.83
CA HIS A 51 0.76 5.80 -7.37
C HIS A 51 1.92 5.64 -8.35
N ASN A 52 2.11 4.45 -8.97
CA ASN A 52 3.15 4.23 -9.96
C ASN A 52 2.92 5.03 -11.24
N LEU A 53 1.67 5.06 -11.76
CA LEU A 53 1.35 5.67 -13.04
C LEU A 53 1.45 7.19 -12.98
N LYS A 54 0.92 7.82 -11.90
CA LYS A 54 0.89 9.26 -11.77
C LYS A 54 1.35 9.69 -10.40
N GLY A 55 2.39 10.55 -10.35
CA GLY A 55 2.90 11.08 -9.09
C GLY A 55 2.18 12.36 -8.72
N ARG A 56 1.09 12.25 -7.95
CA ARG A 56 0.25 13.38 -7.54
C ARG A 56 0.88 14.16 -6.39
N SER A 57 2.11 14.66 -6.61
CA SER A 57 2.94 15.31 -5.60
C SER A 57 2.38 16.65 -5.14
N ALA A 58 1.96 17.51 -6.10
CA ALA A 58 1.37 18.81 -5.83
C ALA A 58 -0.07 18.73 -5.36
N ARG A 59 -0.83 17.78 -5.94
CA ARG A 59 -2.28 17.67 -5.98
C ARG A 59 -2.90 18.74 -6.86
N LYS A 60 -3.63 18.31 -7.93
CA LYS A 60 -4.24 19.24 -8.87
C LYS A 60 -5.73 19.34 -8.62
N LEU A 61 -6.40 18.18 -8.43
CA LEU A 61 -7.79 18.12 -8.10
C LEU A 61 -7.95 16.90 -7.23
N GLU A 62 -9.03 16.82 -6.42
CA GLU A 62 -9.18 15.77 -5.44
C GLU A 62 -10.15 14.64 -5.91
N ALA A 1 -14.89 0.75 1.58
CA ALA A 1 -15.69 1.95 1.93
C ALA A 1 -14.93 3.26 1.82
N SER A 2 -13.86 3.39 2.62
CA SER A 2 -12.89 4.47 2.58
C SER A 2 -11.53 3.82 2.59
N MET A 3 -10.49 4.54 2.13
CA MET A 3 -9.12 4.09 1.93
C MET A 3 -8.47 3.60 3.22
N VAL A 4 -8.77 4.29 4.35
CA VAL A 4 -8.10 4.18 5.63
C VAL A 4 -8.64 3.08 6.54
N LEU A 5 -9.37 2.09 5.98
CA LEU A 5 -10.22 1.14 6.69
C LEU A 5 -9.48 0.30 7.72
N SER A 6 -8.29 -0.25 7.38
CA SER A 6 -7.46 -1.01 8.30
C SER A 6 -6.11 -0.35 8.44
N PRO A 7 -5.86 0.59 9.36
CA PRO A 7 -4.66 1.41 9.37
C PRO A 7 -3.38 0.64 9.67
N ARG A 8 -3.45 -0.54 10.33
CA ARG A 8 -2.31 -1.42 10.54
C ARG A 8 -1.71 -1.91 9.24
N ASP A 9 -2.58 -2.31 8.28
CA ASP A 9 -2.14 -2.73 6.98
C ASP A 9 -1.96 -1.53 6.07
N GLU A 10 -2.93 -0.59 6.03
CA GLU A 10 -2.95 0.48 5.06
C GLU A 10 -1.80 1.47 5.19
N ARG A 11 -1.45 1.92 6.43
CA ARG A 11 -0.34 2.83 6.62
C ARG A 11 1.00 2.19 6.32
N THR A 12 1.15 0.90 6.71
CA THR A 12 2.30 0.06 6.41
C THR A 12 2.45 -0.12 4.90
N LEU A 13 1.32 -0.38 4.19
CA LEU A 13 1.26 -0.59 2.75
C LEU A 13 1.71 0.65 1.99
N VAL A 14 1.21 1.87 2.33
CA VAL A 14 1.66 3.09 1.67
C VAL A 14 3.09 3.43 2.03
N ARG A 15 3.54 3.25 3.29
CA ARG A 15 4.94 3.45 3.67
C ARG A 15 5.89 2.52 2.94
N LYS A 16 5.59 1.20 2.89
CA LYS A 16 6.43 0.26 2.17
C LYS A 16 6.48 0.51 0.68
N VAL A 17 5.34 0.78 0.01
CA VAL A 17 5.31 1.13 -1.40
C VAL A 17 6.04 2.43 -1.70
N GLN A 18 5.85 3.50 -0.86
CA GLN A 18 6.48 4.80 -1.06
C GLN A 18 8.01 4.72 -0.92
N ILE A 19 8.50 4.02 0.13
CA ILE A 19 9.92 3.86 0.42
C ILE A 19 10.58 2.79 -0.46
N ASN A 20 9.95 1.62 -0.67
CA ASN A 20 10.52 0.52 -1.43
C ASN A 20 9.66 0.26 -2.66
N PRO A 21 9.81 0.95 -3.81
CA PRO A 21 8.90 0.85 -4.94
C PRO A 21 9.08 -0.43 -5.74
N ARG A 22 10.09 -1.26 -5.42
CA ARG A 22 10.47 -2.46 -6.14
C ARG A 22 9.69 -3.69 -5.73
N THR A 23 8.73 -3.58 -4.78
CA THR A 23 8.01 -4.74 -4.26
C THR A 23 6.94 -5.28 -5.22
N THR A 24 6.54 -6.55 -5.01
CA THR A 24 5.57 -7.27 -5.82
C THR A 24 4.51 -7.73 -4.87
N ALA A 25 3.22 -7.76 -5.30
CA ALA A 25 2.03 -7.97 -4.48
C ALA A 25 1.99 -9.30 -3.72
N LYS A 26 2.81 -10.29 -4.14
CA LYS A 26 3.06 -11.53 -3.41
C LYS A 26 3.63 -11.30 -2.02
N ASP A 27 4.57 -10.35 -1.85
CA ASP A 27 5.11 -9.97 -0.55
C ASP A 27 4.03 -9.35 0.34
N LEU A 28 3.18 -8.48 -0.25
CA LEU A 28 2.08 -7.82 0.43
C LEU A 28 1.01 -8.78 0.92
N VAL A 29 0.56 -9.76 0.10
CA VAL A 29 -0.43 -10.74 0.55
C VAL A 29 0.13 -11.66 1.63
N LYS A 30 1.43 -12.02 1.54
CA LYS A 30 2.15 -12.79 2.54
C LYS A 30 2.22 -12.07 3.88
N MET A 31 2.51 -10.74 3.89
CA MET A 31 2.44 -9.90 5.08
C MET A 31 1.04 -9.81 5.68
N LEU A 32 0.00 -9.60 4.84
CA LEU A 32 -1.39 -9.56 5.25
C LEU A 32 -1.87 -10.89 5.83
N GLU A 33 -1.52 -12.04 5.21
CA GLU A 33 -1.77 -13.36 5.78
C GLU A 33 -1.04 -13.62 7.09
N GLU A 34 0.25 -13.19 7.21
CA GLU A 34 1.03 -13.30 8.43
C GLU A 34 0.46 -12.52 9.60
N THR A 35 0.00 -11.26 9.41
CA THR A 35 -0.67 -10.49 10.47
C THR A 35 -2.10 -10.97 10.70
N GLY A 36 -2.78 -11.51 9.66
CA GLY A 36 -4.07 -12.16 9.78
C GLY A 36 -5.25 -11.29 9.47
N THR A 37 -5.02 -10.14 8.80
CA THR A 37 -6.07 -9.20 8.42
C THR A 37 -6.10 -9.10 6.91
N LYS A 38 -7.28 -9.28 6.29
CA LYS A 38 -7.44 -9.24 4.85
C LYS A 38 -7.56 -7.83 4.30
N VAL A 39 -6.83 -7.55 3.19
CA VAL A 39 -7.00 -6.38 2.37
C VAL A 39 -7.27 -6.89 0.98
N SER A 40 -8.32 -6.38 0.30
CA SER A 40 -8.66 -6.78 -1.06
C SER A 40 -7.63 -6.33 -2.08
N ILE A 41 -7.40 -7.16 -3.12
CA ILE A 41 -6.34 -6.99 -4.11
C ILE A 41 -6.53 -5.72 -4.93
N SER A 42 -7.78 -5.39 -5.32
CA SER A 42 -8.11 -4.24 -6.16
C SER A 42 -7.72 -2.89 -5.59
N THR A 43 -7.84 -2.66 -4.25
CA THR A 43 -7.37 -1.43 -3.62
C THR A 43 -5.84 -1.31 -3.66
N VAL A 44 -5.12 -2.43 -3.49
CA VAL A 44 -3.66 -2.51 -3.64
C VAL A 44 -3.23 -2.19 -5.06
N LYS A 45 -3.96 -2.75 -6.07
CA LYS A 45 -3.72 -2.48 -7.49
C LYS A 45 -3.94 -1.01 -7.82
N ARG A 46 -5.00 -0.35 -7.28
CA ARG A 46 -5.18 1.09 -7.40
C ARG A 46 -4.09 1.93 -6.77
N VAL A 47 -3.60 1.58 -5.56
CA VAL A 47 -2.50 2.29 -4.89
C VAL A 47 -1.23 2.22 -5.73
N LEU A 48 -0.87 1.05 -6.28
CA LEU A 48 0.24 0.92 -7.23
C LEU A 48 0.01 1.70 -8.52
N TYR A 49 -1.21 1.64 -9.12
CA TYR A 49 -1.54 2.33 -10.35
C TYR A 49 -1.41 3.85 -10.20
N ARG A 50 -1.97 4.45 -9.12
CA ARG A 50 -1.92 5.90 -8.91
C ARG A 50 -0.51 6.36 -8.65
N HIS A 51 0.35 5.66 -7.89
CA HIS A 51 1.77 5.99 -7.76
C HIS A 51 2.56 5.92 -9.06
N ASN A 52 2.34 4.90 -9.93
CA ASN A 52 2.94 4.90 -11.26
C ASN A 52 2.51 6.06 -12.16
N LEU A 53 1.21 6.45 -12.16
CA LEU A 53 0.77 7.64 -12.89
C LEU A 53 1.33 8.98 -12.40
N LYS A 54 1.35 9.25 -11.07
CA LYS A 54 1.66 10.60 -10.60
C LYS A 54 2.93 10.73 -9.78
N GLY A 55 3.57 9.62 -9.36
CA GLY A 55 4.45 9.59 -8.19
C GLY A 55 5.64 10.50 -8.21
N ARG A 56 5.79 11.24 -7.08
CA ARG A 56 6.80 12.23 -6.79
C ARG A 56 7.11 13.23 -7.91
N SER A 57 6.03 13.91 -8.38
CA SER A 57 6.05 14.90 -9.44
C SER A 57 6.77 16.20 -9.12
N ALA A 58 7.17 16.40 -7.85
CA ALA A 58 7.79 17.58 -7.31
C ALA A 58 9.26 17.73 -7.73
N ARG A 59 9.45 18.10 -9.02
CA ARG A 59 10.72 18.35 -9.70
C ARG A 59 11.50 17.10 -10.05
N LYS A 60 12.41 17.22 -11.05
CA LYS A 60 13.23 16.11 -11.52
C LYS A 60 14.41 15.88 -10.62
N LEU A 61 14.15 15.40 -9.39
CA LEU A 61 15.18 15.09 -8.41
C LEU A 61 15.69 13.68 -8.64
N GLU A 62 16.41 13.48 -9.76
CA GLU A 62 16.97 12.19 -10.17
C GLU A 62 18.04 11.63 -9.20
N ALA A 1 -9.61 6.43 -1.40
CA ALA A 1 -8.11 6.52 -1.38
C ALA A 1 -7.39 5.43 -0.61
N SER A 2 -7.53 5.40 0.74
CA SER A 2 -6.92 4.40 1.60
C SER A 2 -8.01 3.73 2.41
N MET A 3 -7.81 2.44 2.73
CA MET A 3 -8.80 1.57 3.37
C MET A 3 -9.19 1.92 4.81
N VAL A 4 -8.23 2.39 5.65
CA VAL A 4 -8.39 2.77 7.05
C VAL A 4 -9.13 1.74 7.91
N LEU A 5 -8.71 0.46 7.80
CA LEU A 5 -9.36 -0.66 8.47
C LEU A 5 -8.56 -1.16 9.66
N SER A 6 -7.22 -1.31 9.52
CA SER A 6 -6.34 -1.72 10.61
C SER A 6 -5.11 -0.80 10.56
N PRO A 7 -4.61 -0.24 11.67
CA PRO A 7 -3.51 0.72 11.63
C PRO A 7 -2.18 0.09 11.21
N ARG A 8 -1.97 -1.22 11.50
CA ARG A 8 -0.72 -1.91 11.24
C ARG A 8 -0.42 -2.03 9.75
N ASP A 9 -1.41 -2.46 8.96
CA ASP A 9 -1.23 -2.62 7.53
C ASP A 9 -1.28 -1.32 6.76
N GLU A 10 -2.19 -0.35 7.09
CA GLU A 10 -2.31 0.84 6.28
C GLU A 10 -1.08 1.72 6.31
N ARG A 11 -0.45 1.94 7.50
CA ARG A 11 0.75 2.75 7.62
C ARG A 11 1.94 2.11 6.93
N THR A 12 2.11 0.78 7.14
CA THR A 12 3.21 0.00 6.58
C THR A 12 3.11 -0.08 5.07
N LEU A 13 1.90 -0.37 4.53
CA LEU A 13 1.65 -0.51 3.10
C LEU A 13 1.85 0.80 2.36
N VAL A 14 1.30 1.94 2.84
CA VAL A 14 1.43 3.19 2.11
C VAL A 14 2.85 3.70 2.07
N ARG A 15 3.67 3.47 3.14
CA ARG A 15 5.07 3.83 3.14
C ARG A 15 5.86 3.06 2.09
N LYS A 16 5.68 1.72 2.01
CA LYS A 16 6.35 0.89 1.02
C LYS A 16 5.90 1.20 -0.38
N VAL A 17 4.57 1.38 -0.60
CA VAL A 17 4.01 1.73 -1.89
C VAL A 17 4.50 3.09 -2.39
N GLN A 18 4.54 4.13 -1.52
CA GLN A 18 5.09 5.43 -1.89
C GLN A 18 6.59 5.44 -2.17
N ILE A 19 7.41 4.81 -1.29
CA ILE A 19 8.87 4.82 -1.43
C ILE A 19 9.35 3.84 -2.49
N ASN A 20 8.78 2.61 -2.53
CA ASN A 20 9.27 1.52 -3.35
C ASN A 20 8.18 1.02 -4.31
N PRO A 21 7.74 1.75 -5.35
CA PRO A 21 6.67 1.32 -6.26
C PRO A 21 7.09 0.15 -7.14
N ARG A 22 8.40 -0.16 -7.17
CA ARG A 22 9.01 -1.29 -7.82
C ARG A 22 8.61 -2.64 -7.23
N THR A 23 8.16 -2.70 -5.96
CA THR A 23 7.92 -3.96 -5.26
C THR A 23 6.79 -4.79 -5.86
N THR A 24 7.01 -6.13 -5.92
CA THR A 24 6.03 -7.12 -6.33
C THR A 24 4.89 -7.20 -5.33
N ALA A 25 3.62 -7.23 -5.81
CA ALA A 25 2.41 -7.20 -5.00
C ALA A 25 2.24 -8.37 -4.05
N LYS A 26 2.94 -9.49 -4.33
CA LYS A 26 3.00 -10.70 -3.53
C LYS A 26 3.51 -10.42 -2.11
N ASP A 27 4.49 -9.49 -1.95
CA ASP A 27 5.00 -9.08 -0.65
C ASP A 27 3.90 -8.43 0.20
N LEU A 28 3.04 -7.56 -0.40
CA LEU A 28 1.87 -6.97 0.24
C LEU A 28 0.86 -8.04 0.61
N VAL A 29 0.58 -9.01 -0.29
CA VAL A 29 -0.36 -10.10 -0.08
C VAL A 29 0.07 -11.01 1.08
N LYS A 30 1.36 -11.37 1.17
CA LYS A 30 1.92 -12.11 2.29
C LYS A 30 1.79 -11.37 3.62
N MET A 31 2.09 -10.04 3.65
CA MET A 31 1.93 -9.19 4.82
C MET A 31 0.47 -9.09 5.26
N LEU A 32 -0.47 -8.90 4.31
CA LEU A 32 -1.90 -8.89 4.55
C LEU A 32 -2.43 -10.22 5.06
N GLU A 33 -1.98 -11.36 4.47
CA GLU A 33 -2.33 -12.70 4.93
C GLU A 33 -1.81 -12.99 6.33
N GLU A 34 -0.56 -12.59 6.65
CA GLU A 34 0.01 -12.68 7.98
C GLU A 34 -0.72 -11.82 9.01
N THR A 35 -1.09 -10.58 8.64
CA THR A 35 -1.89 -9.66 9.47
C THR A 35 -3.28 -10.22 9.73
N GLY A 36 -3.94 -10.78 8.68
CA GLY A 36 -5.24 -11.43 8.77
C GLY A 36 -6.36 -10.58 8.24
N THR A 37 -6.08 -9.29 7.98
CA THR A 37 -6.99 -8.31 7.41
C THR A 37 -7.36 -8.70 5.99
N LYS A 38 -8.67 -8.75 5.65
CA LYS A 38 -9.07 -9.21 4.33
C LYS A 38 -9.12 -8.02 3.37
N VAL A 39 -8.21 -8.03 2.37
CA VAL A 39 -8.04 -6.96 1.42
C VAL A 39 -8.00 -7.63 0.06
N SER A 40 -8.69 -7.07 -0.98
CA SER A 40 -8.68 -7.69 -2.29
C SER A 40 -7.38 -7.41 -3.06
N ILE A 41 -7.10 -8.27 -4.07
CA ILE A 41 -5.97 -8.11 -4.98
C ILE A 41 -6.14 -6.85 -5.83
N SER A 42 -7.39 -6.60 -6.31
CA SER A 42 -7.73 -5.46 -7.15
C SER A 42 -7.49 -4.13 -6.45
N THR A 43 -7.91 -3.98 -5.16
CA THR A 43 -7.68 -2.75 -4.41
C THR A 43 -6.22 -2.45 -4.13
N VAL A 44 -5.35 -3.45 -3.82
CA VAL A 44 -3.92 -3.18 -3.67
C VAL A 44 -3.27 -2.78 -4.99
N LYS A 45 -3.70 -3.39 -6.13
CA LYS A 45 -3.26 -3.01 -7.46
C LYS A 45 -3.66 -1.58 -7.82
N ARG A 46 -4.90 -1.13 -7.51
CA ARG A 46 -5.32 0.24 -7.71
C ARG A 46 -4.53 1.25 -6.87
N VAL A 47 -4.25 0.94 -5.58
CA VAL A 47 -3.40 1.75 -4.72
C VAL A 47 -1.96 1.85 -5.24
N LEU A 48 -1.36 0.72 -5.68
CA LEU A 48 -0.06 0.70 -6.36
C LEU A 48 -0.06 1.46 -7.67
N TYR A 49 -1.10 1.28 -8.53
CA TYR A 49 -1.20 1.92 -9.83
C TYR A 49 -1.30 3.44 -9.68
N ARG A 50 -2.16 3.94 -8.73
CA ARG A 50 -2.20 5.36 -8.43
C ARG A 50 -0.93 5.96 -7.90
N HIS A 51 -0.23 5.33 -6.93
CA HIS A 51 1.02 5.86 -6.41
C HIS A 51 2.15 5.86 -7.43
N ASN A 52 2.26 4.80 -8.25
CA ASN A 52 3.21 4.75 -9.34
C ASN A 52 2.89 5.77 -10.45
N LEU A 53 1.61 5.88 -10.88
CA LEU A 53 1.16 6.85 -11.87
C LEU A 53 1.26 8.31 -11.42
N LYS A 54 0.74 8.63 -10.22
CA LYS A 54 0.73 10.01 -9.74
C LYS A 54 1.26 9.99 -8.31
N GLY A 55 2.38 10.68 -8.04
CA GLY A 55 2.98 10.65 -6.72
C GLY A 55 2.46 11.77 -5.87
N ARG A 56 1.46 11.47 -5.00
CA ARG A 56 0.90 12.47 -4.11
C ARG A 56 1.83 12.86 -2.97
N SER A 57 1.68 14.10 -2.47
CA SER A 57 2.38 14.55 -1.28
C SER A 57 1.45 15.43 -0.46
N ALA A 58 0.83 16.45 -1.10
CA ALA A 58 -0.01 17.43 -0.43
C ALA A 58 -1.44 17.37 -0.92
N ARG A 59 -1.79 18.20 -1.91
CA ARG A 59 -3.14 18.32 -2.44
C ARG A 59 -3.10 18.16 -3.94
N LYS A 60 -4.16 17.56 -4.53
CA LYS A 60 -4.33 17.37 -5.96
C LYS A 60 -3.17 16.66 -6.66
N LEU A 61 -2.57 17.29 -7.69
CA LEU A 61 -1.52 16.73 -8.52
C LEU A 61 -0.23 16.46 -7.77
N GLU A 62 0.21 17.43 -6.93
CA GLU A 62 1.44 17.36 -6.16
C GLU A 62 1.17 17.61 -4.66
#